data_2J42
#
_entry.id   2J42
#
_cell.length_a   104.400
_cell.length_b   104.400
_cell.length_c   153.200
_cell.angle_alpha   90.00
_cell.angle_beta   90.00
_cell.angle_gamma   90.00
#
_symmetry.space_group_name_H-M   'P 43 21 2'
#
_entity_poly.entity_id   1
_entity_poly.type   'polypeptide(L)'
_entity_poly.pdbx_seq_one_letter_code
;MLVSKFENSVKNSNKNYFTINGLMGYYFENDFFNLNIISPTLDGNLTFSKEDINSILGNKIIKSARWIGLIKPSITGEYI
LSTNSPNCRVELNGEIFNLSLNTSNTVNLIQGNVYDIRIEQLMSENQLLKNYEGIKLYWETSDIIKEIIPSEVLLKPNYS
NTNEKSKFIPNNTLFSNAKLKANANRDTDRDGIPDEWEINGYTVMNQKAVAWDDKFAANGYKKYVSNPFKPCTANDPYTD
FEKVSGQIDPSVSMVARDPMISAYPIVGVQMERLVVSKSETITGDSTKSMSKSTSHSSTNINTVGAEVSGSLQLAGGIFP
VFSMSASANYSHTWQNTSTVDDTTGESFSQGLSINTAESAYINPNIRYYNTGTAPVYNVTPTTTIVIDKQSVATIKGQES
LIGDYLNPGGTYPIIGEPPMALNTMDQFSSRLIPINYNQLKSIDNGGTVMLSTSQFTGNFAKYNSNGNLVTDGNNWGPYL
GTIKSTTASLTLSLPDQTTQVAVVAPNFSDPEDKTPRLTLEQALVKAFRLEKKNGKFYFHGMEISANQKIQVFLDRNTNV
DFENQLKNTANKDIMNCIIKRNMNILVKVITFKENISSINIINDTNFGVESMTGLSKRIKGNDGIYRASTKSFSFKSKEI
KYPEGFYRMRFVIQSYEPFTCNFKLFNNLIYSNSFDIGYYDEFFYFYCNGSKSFFDISCDIINSINRLSGVFLIELDKLI
I
;
_entity_poly.pdbx_strand_id   A
#
# COMPACT_ATOMS: atom_id res chain seq x y z
N PHE A 18 12.63 -1.89 14.15
CA PHE A 18 11.28 -2.01 13.61
C PHE A 18 10.26 -1.28 14.47
N THR A 19 9.85 -0.10 14.00
CA THR A 19 8.87 0.74 14.70
C THR A 19 7.70 -0.10 15.18
N ILE A 20 7.08 -0.80 14.23
CA ILE A 20 5.96 -1.68 14.54
C ILE A 20 6.46 -2.95 15.23
N ASN A 21 6.94 -2.78 16.46
CA ASN A 21 7.47 -3.89 17.24
C ASN A 21 6.99 -3.78 18.68
N GLY A 22 6.14 -4.72 19.09
CA GLY A 22 5.58 -4.72 20.45
C GLY A 22 4.28 -5.52 20.46
N LEU A 23 3.47 -5.29 21.49
CA LEU A 23 2.19 -6.01 21.63
C LEU A 23 0.99 -5.13 21.29
N MET A 24 0.02 -5.72 20.57
CA MET A 24 -1.18 -5.00 20.17
C MET A 24 -2.22 -5.02 21.28
N GLY A 25 -2.71 -3.83 21.64
CA GLY A 25 -3.69 -3.72 22.70
C GLY A 25 -5.11 -3.44 22.22
N TYR A 26 -6.08 -3.72 23.07
CA TYR A 26 -7.48 -3.48 22.76
C TYR A 26 -8.20 -3.00 24.03
N TYR A 27 -8.74 -1.79 23.99
CA TYR A 27 -9.44 -1.24 25.15
C TYR A 27 -10.94 -1.08 24.91
N PHE A 28 -11.72 -1.23 25.98
CA PHE A 28 -13.18 -1.19 25.89
C PHE A 28 -13.81 -0.33 26.98
N GLU A 29 -14.75 0.53 26.59
CA GLU A 29 -15.45 1.38 27.56
C GLU A 29 -16.40 0.54 28.41
N ASN A 30 -16.81 -0.60 27.86
CA ASN A 30 -17.70 -1.51 28.57
C ASN A 30 -16.87 -2.42 29.47
N ASP A 31 -17.33 -2.62 30.71
CA ASP A 31 -16.60 -3.42 31.69
C ASP A 31 -16.34 -4.87 31.26
N PHE A 32 -16.72 -5.23 30.04
CA PHE A 32 -16.52 -6.62 29.58
C PHE A 32 -16.33 -6.77 28.08
N PHE A 33 -15.26 -6.19 27.55
CA PHE A 33 -14.94 -6.29 26.13
C PHE A 33 -16.12 -6.01 25.19
N ASN A 34 -16.08 -4.86 24.53
CA ASN A 34 -17.13 -4.46 23.58
C ASN A 34 -16.55 -3.42 22.60
N LEU A 35 -15.24 -3.21 22.69
CA LEU A 35 -14.52 -2.27 21.84
C LEU A 35 -14.65 -0.80 22.26
N ASN A 36 -13.83 0.04 21.65
CA ASN A 36 -13.80 1.48 21.93
C ASN A 36 -12.56 2.10 21.27
N ILE A 37 -11.42 1.45 21.45
CA ILE A 37 -10.15 1.91 20.88
C ILE A 37 -9.18 0.75 20.72
N ILE A 38 -8.30 0.85 19.72
CA ILE A 38 -7.30 -0.19 19.46
C ILE A 38 -5.96 0.44 19.10
N SER A 39 -5.06 0.48 20.07
CA SER A 39 -3.73 1.05 19.86
C SER A 39 -2.64 0.07 20.31
N PRO A 40 -1.56 0.00 19.53
CA PRO A 40 -0.46 -0.91 19.85
C PRO A 40 0.29 -0.41 21.07
N THR A 41 1.21 -1.24 21.57
CA THR A 41 2.03 -0.88 22.72
C THR A 41 3.50 -1.15 22.42
N LEU A 42 4.35 -0.18 22.72
CA LEU A 42 5.77 -0.28 22.42
C LEU A 42 6.47 -1.48 23.04
N ASP A 43 6.04 -1.89 24.22
CA ASP A 43 6.66 -3.02 24.89
C ASP A 43 5.91 -3.55 26.11
N GLY A 44 6.60 -3.59 27.25
CA GLY A 44 6.03 -4.08 28.50
C GLY A 44 5.16 -3.05 29.17
N ASN A 45 5.25 -1.80 28.72
CA ASN A 45 4.43 -0.74 29.28
C ASN A 45 3.21 -0.49 28.42
N LEU A 46 2.15 -1.25 28.70
CA LEU A 46 0.90 -1.12 27.96
C LEU A 46 0.11 0.08 28.48
N THR A 47 0.66 1.27 28.28
CA THR A 47 0.02 2.50 28.74
C THR A 47 -0.71 3.24 27.63
N PHE A 48 -1.44 4.27 28.04
CA PHE A 48 -2.19 5.11 27.12
C PHE A 48 -2.47 6.44 27.81
N SER A 49 -1.44 7.29 27.84
CA SER A 49 -1.51 8.60 28.49
C SER A 49 -2.81 9.35 28.23
N LYS A 50 -3.26 10.09 29.25
CA LYS A 50 -4.49 10.87 29.14
C LYS A 50 -4.34 12.04 28.17
N GLU A 51 -3.12 12.27 27.70
CA GLU A 51 -2.85 13.35 26.75
C GLU A 51 -3.08 12.86 25.33
N ASP A 52 -3.52 11.61 25.21
CA ASP A 52 -3.79 11.00 23.92
C ASP A 52 -5.26 10.61 23.80
N ILE A 53 -6.09 11.20 24.65
CA ILE A 53 -7.53 10.93 24.66
C ILE A 53 -8.35 12.21 24.68
N ASN A 54 -7.71 13.33 24.34
CA ASN A 54 -8.38 14.62 24.32
C ASN A 54 -9.29 14.73 23.10
N SER A 55 -9.73 13.60 22.58
CA SER A 55 -10.61 13.56 21.43
C SER A 55 -11.85 12.74 21.74
N ILE A 56 -11.81 12.02 22.86
CA ILE A 56 -12.92 11.21 23.30
C ILE A 56 -13.67 11.97 24.38
N LEU A 57 -14.99 11.97 24.26
CA LEU A 57 -15.86 12.65 25.23
C LEU A 57 -15.58 12.20 26.68
N GLY A 58 -16.61 12.12 27.51
CA GLY A 58 -16.44 11.68 28.91
C GLY A 58 -15.79 10.27 28.91
N ASN A 59 -16.17 9.47 27.90
CA ASN A 59 -15.74 8.08 27.91
C ASN A 59 -14.24 7.85 27.78
N LYS A 60 -13.48 8.64 28.53
CA LYS A 60 -12.02 8.47 28.57
C LYS A 60 -11.69 7.43 29.64
N ILE A 61 -12.52 7.39 30.68
CA ILE A 61 -12.34 6.45 31.77
C ILE A 61 -12.37 5.01 31.28
N ILE A 62 -11.30 4.60 30.62
CA ILE A 62 -11.19 3.24 30.11
C ILE A 62 -11.50 2.24 31.21
N LYS A 63 -12.25 1.20 30.87
CA LYS A 63 -12.65 0.18 31.84
C LYS A 63 -11.81 -1.10 31.80
N SER A 64 -11.94 -1.86 30.72
CA SER A 64 -11.22 -3.11 30.56
C SER A 64 -10.16 -3.02 29.47
N ALA A 65 -9.57 -4.16 29.13
CA ALA A 65 -8.53 -4.21 28.10
C ALA A 65 -8.16 -5.66 27.79
N ARG A 66 -7.45 -5.87 26.68
CA ARG A 66 -7.04 -7.20 26.27
C ARG A 66 -5.89 -7.15 25.27
N TRP A 67 -4.67 -7.35 25.77
CA TRP A 67 -3.50 -7.33 24.91
C TRP A 67 -3.07 -8.70 24.42
N ILE A 68 -3.12 -8.88 23.11
CA ILE A 68 -2.74 -10.13 22.48
C ILE A 68 -1.48 -9.88 21.66
N GLY A 69 -0.82 -10.97 21.26
CA GLY A 69 0.40 -10.84 20.48
C GLY A 69 1.27 -12.08 20.64
N LEU A 70 2.53 -11.95 20.24
CA LEU A 70 3.48 -13.06 20.35
C LEU A 70 4.59 -12.73 21.34
N ILE A 71 5.58 -13.62 21.41
CA ILE A 71 6.72 -13.43 22.29
C ILE A 71 7.84 -14.39 21.93
N LYS A 72 9.04 -13.86 21.76
CA LYS A 72 10.19 -14.66 21.41
C LYS A 72 11.38 -14.31 22.30
N PRO A 73 11.58 -15.08 23.37
CA PRO A 73 12.70 -14.85 24.28
C PRO A 73 14.03 -14.89 23.54
N SER A 74 15.13 -14.87 24.29
CA SER A 74 16.45 -14.93 23.71
C SER A 74 17.28 -16.03 24.35
N ILE A 75 16.64 -16.80 25.22
CA ILE A 75 17.31 -17.90 25.92
C ILE A 75 16.33 -18.74 26.73
N THR A 76 16.42 -20.06 26.56
CA THR A 76 15.53 -20.98 27.26
C THR A 76 15.63 -20.80 28.77
N GLY A 77 14.56 -20.29 29.38
CA GLY A 77 14.56 -20.08 30.83
C GLY A 77 13.16 -20.01 31.44
N GLU A 78 13.10 -20.13 32.75
CA GLU A 78 11.82 -20.08 33.47
C GLU A 78 11.42 -18.63 33.73
N TYR A 79 10.48 -18.13 32.93
CA TYR A 79 10.03 -16.74 33.05
C TYR A 79 8.79 -16.61 33.94
N ILE A 80 8.68 -15.48 34.61
CA ILE A 80 7.53 -15.19 35.47
C ILE A 80 6.88 -13.87 35.07
N LEU A 81 5.68 -13.94 34.50
CA LEU A 81 4.98 -12.73 34.08
C LEU A 81 4.16 -12.15 35.23
N SER A 82 4.27 -10.84 35.43
CA SER A 82 3.54 -10.17 36.50
C SER A 82 3.32 -8.68 36.19
N THR A 83 2.43 -8.07 36.95
CA THR A 83 2.13 -6.63 36.81
C THR A 83 1.87 -6.06 38.20
N ASN A 84 2.00 -4.74 38.32
CA ASN A 84 1.80 -4.05 39.59
C ASN A 84 0.55 -4.58 40.27
N SER A 85 -0.61 -4.12 39.82
CA SER A 85 -1.86 -4.61 40.36
C SER A 85 -3.01 -4.66 39.34
N PRO A 86 -4.21 -4.30 39.75
CA PRO A 86 -5.42 -4.42 38.95
C PRO A 86 -5.62 -5.88 38.54
N ASN A 87 -6.85 -6.34 38.60
CA ASN A 87 -7.19 -7.71 38.24
C ASN A 87 -6.88 -8.00 36.78
N CYS A 88 -6.08 -9.04 36.53
CA CYS A 88 -5.71 -9.42 35.17
C CYS A 88 -5.29 -10.88 35.07
N ARG A 89 -5.48 -11.47 33.89
CA ARG A 89 -5.11 -12.86 33.65
C ARG A 89 -4.13 -12.95 32.48
N VAL A 90 -3.44 -14.09 32.36
CA VAL A 90 -2.50 -14.30 31.27
C VAL A 90 -2.64 -15.70 30.67
N GLU A 91 -2.61 -15.78 29.35
CA GLU A 91 -2.74 -17.05 28.65
C GLU A 91 -1.47 -17.38 27.88
N LEU A 92 -0.43 -17.79 28.59
CA LEU A 92 0.85 -18.10 27.98
C LEU A 92 0.98 -19.54 27.49
N ASN A 93 0.01 -19.96 26.69
CA ASN A 93 0.02 -21.30 26.12
C ASN A 93 0.04 -22.41 27.17
N GLY A 94 -1.09 -22.61 27.83
CA GLY A 94 -1.21 -23.67 28.82
C GLY A 94 -1.49 -23.20 30.25
N GLU A 95 -1.14 -21.96 30.56
CA GLU A 95 -1.32 -21.45 31.92
C GLU A 95 -2.01 -20.11 32.05
N ILE A 96 -2.69 -19.92 33.18
CA ILE A 96 -3.35 -18.67 33.51
C ILE A 96 -2.49 -17.98 34.56
N PHE A 97 -2.49 -16.65 34.58
CA PHE A 97 -1.63 -15.94 35.51
C PHE A 97 -2.02 -14.48 35.79
N ASN A 98 -1.04 -13.73 36.26
CA ASN A 98 -1.18 -12.31 36.55
C ASN A 98 -1.80 -11.91 37.88
N LEU A 99 -3.04 -11.43 37.86
CA LEU A 99 -3.69 -10.97 39.08
C LEU A 99 -2.80 -9.91 39.74
N SER A 100 -1.96 -10.33 40.68
CA SER A 100 -1.06 -9.39 41.36
C SER A 100 0.06 -10.11 42.11
N LEU A 101 -0.17 -11.37 42.42
CA LEU A 101 0.77 -12.19 43.18
C LEU A 101 2.24 -12.11 42.77
N ASN A 102 3.11 -12.30 43.76
CA ASN A 102 4.56 -12.25 43.58
C ASN A 102 5.15 -13.64 43.37
N THR A 103 4.34 -14.67 43.60
CA THR A 103 4.80 -16.04 43.46
C THR A 103 4.64 -16.59 42.04
N SER A 104 3.40 -16.86 41.64
CA SER A 104 3.11 -17.40 40.31
C SER A 104 3.56 -18.86 40.21
N ASN A 105 3.23 -19.51 39.10
CA ASN A 105 3.59 -20.90 38.88
C ASN A 105 4.59 -21.01 37.73
N THR A 106 5.15 -19.87 37.34
CA THR A 106 6.16 -19.80 36.29
C THR A 106 5.66 -20.29 34.93
N VAL A 107 6.60 -20.41 33.99
CA VAL A 107 6.28 -20.88 32.65
C VAL A 107 7.54 -20.91 31.78
N ASN A 108 7.82 -22.09 31.23
CA ASN A 108 9.02 -22.28 30.41
C ASN A 108 8.90 -21.63 29.03
N LEU A 109 9.96 -20.92 28.63
CA LEU A 109 10.01 -20.26 27.34
C LEU A 109 11.40 -20.49 26.75
N ILE A 110 11.45 -20.80 25.47
CA ILE A 110 12.70 -21.14 24.81
C ILE A 110 13.09 -20.16 23.71
N GLN A 111 14.39 -20.03 23.47
CA GLN A 111 14.89 -19.16 22.42
C GLN A 111 14.57 -19.76 21.07
N GLY A 112 14.08 -18.93 20.17
CA GLY A 112 13.75 -19.39 18.82
C GLY A 112 12.27 -19.75 18.71
N ASN A 113 11.60 -19.79 19.85
CA ASN A 113 10.18 -20.11 19.89
C ASN A 113 9.36 -18.89 20.29
N VAL A 114 8.25 -18.67 19.59
CA VAL A 114 7.35 -17.57 19.88
C VAL A 114 6.06 -18.13 20.49
N TYR A 115 5.34 -17.32 21.26
CA TYR A 115 4.12 -17.81 21.91
C TYR A 115 2.96 -16.82 21.93
N ASP A 116 1.91 -17.11 21.18
CA ASP A 116 0.69 -16.29 21.16
C ASP A 116 0.29 -16.00 22.60
N ILE A 117 0.07 -14.73 22.92
CA ILE A 117 -0.24 -14.33 24.29
C ILE A 117 -1.71 -14.03 24.54
N ARG A 118 -1.94 -13.07 25.43
CA ARG A 118 -3.26 -12.58 25.83
C ARG A 118 -3.11 -11.98 27.22
N ILE A 119 -3.94 -11.00 27.54
CA ILE A 119 -3.90 -10.35 28.85
C ILE A 119 -5.23 -9.66 29.17
N GLU A 120 -6.13 -10.39 29.82
CA GLU A 120 -7.43 -9.86 30.19
C GLU A 120 -7.29 -8.89 31.35
N GLN A 121 -8.17 -7.90 31.39
CA GLN A 121 -8.18 -6.91 32.46
C GLN A 121 -9.64 -6.59 32.74
N LEU A 122 -9.96 -6.37 34.01
CA LEU A 122 -11.34 -6.10 34.38
C LEU A 122 -11.50 -5.24 35.63
N MET A 123 -11.25 -3.94 35.49
CA MET A 123 -11.39 -3.01 36.61
C MET A 123 -12.78 -2.37 36.56
N SER A 124 -13.56 -2.57 37.62
CA SER A 124 -14.93 -2.07 37.68
C SER A 124 -15.06 -0.58 38.01
N GLU A 125 -14.35 -0.12 39.04
CA GLU A 125 -14.43 1.27 39.45
C GLU A 125 -13.27 2.12 38.93
N ASN A 126 -13.56 3.00 37.98
CA ASN A 126 -12.56 3.87 37.39
C ASN A 126 -12.39 5.15 38.18
N GLN A 127 -11.73 5.05 39.33
CA GLN A 127 -11.49 6.20 40.18
C GLN A 127 -10.62 7.22 39.44
N LEU A 128 -9.91 6.74 38.42
CA LEU A 128 -9.00 7.58 37.64
C LEU A 128 -9.65 8.22 36.43
N LEU A 129 -10.09 9.47 36.58
CA LEU A 129 -10.68 10.20 35.47
C LEU A 129 -9.64 10.23 34.35
N LYS A 130 -10.09 10.17 33.11
CA LYS A 130 -9.17 10.14 31.97
C LYS A 130 -8.24 8.96 32.19
N ASN A 131 -8.75 7.97 32.92
CA ASN A 131 -8.04 6.75 33.30
C ASN A 131 -6.76 6.42 32.55
N TYR A 132 -5.64 6.47 33.26
CA TYR A 132 -4.35 6.17 32.68
C TYR A 132 -4.20 4.67 32.50
N GLU A 133 -4.87 3.91 33.36
CA GLU A 133 -4.78 2.45 33.33
C GLU A 133 -3.38 2.02 33.72
N GLY A 134 -2.39 2.69 33.12
CA GLY A 134 -0.97 2.50 33.37
C GLY A 134 -0.56 1.08 33.76
N ILE A 135 -0.95 0.11 32.96
CA ILE A 135 -0.62 -1.29 33.23
C ILE A 135 0.81 -1.61 32.82
N LYS A 136 1.57 -2.19 33.75
CA LYS A 136 2.96 -2.53 33.50
C LYS A 136 3.20 -4.04 33.63
N LEU A 137 3.96 -4.60 32.70
CA LEU A 137 4.24 -6.02 32.69
C LEU A 137 5.73 -6.34 32.75
N TYR A 138 6.15 -6.97 33.84
CA TYR A 138 7.54 -7.37 34.01
C TYR A 138 7.67 -8.90 34.03
N TRP A 139 8.88 -9.41 33.78
CA TRP A 139 9.14 -10.84 33.81
C TRP A 139 10.48 -11.17 34.47
N GLU A 140 10.45 -12.05 35.46
CA GLU A 140 11.67 -12.43 36.18
C GLU A 140 12.09 -13.88 35.94
N THR A 141 13.29 -14.06 35.39
CA THR A 141 13.84 -15.38 35.13
C THR A 141 14.58 -15.89 36.36
N SER A 142 15.44 -16.89 36.17
CA SER A 142 16.20 -17.47 37.27
C SER A 142 16.94 -16.38 38.05
N ASP A 143 17.73 -15.58 37.34
CA ASP A 143 18.45 -14.48 37.96
C ASP A 143 17.46 -13.43 38.47
N ILE A 144 17.79 -12.79 39.59
CA ILE A 144 16.91 -11.79 40.18
C ILE A 144 16.65 -10.60 39.25
N ILE A 145 16.94 -10.76 37.97
CA ILE A 145 16.74 -9.68 37.00
C ILE A 145 15.28 -9.39 36.71
N LYS A 146 14.80 -8.24 37.19
CA LYS A 146 13.45 -7.81 36.95
C LYS A 146 13.44 -6.54 36.10
N GLU A 147 12.57 -6.50 35.11
CA GLU A 147 12.46 -5.34 34.22
C GLU A 147 11.33 -5.52 33.21
N ILE A 148 10.78 -4.40 32.76
CA ILE A 148 9.69 -4.42 31.78
C ILE A 148 10.16 -5.07 30.48
N ILE A 149 9.36 -6.02 29.99
CA ILE A 149 9.69 -6.73 28.76
C ILE A 149 10.10 -5.80 27.63
N PRO A 150 11.32 -5.98 27.13
CA PRO A 150 11.83 -5.15 26.04
C PRO A 150 11.13 -5.48 24.73
N SER A 151 10.98 -4.46 23.89
CA SER A 151 10.30 -4.62 22.60
C SER A 151 11.14 -5.44 21.62
N GLU A 152 12.17 -6.10 22.13
CA GLU A 152 13.04 -6.92 21.29
C GLU A 152 12.58 -8.37 21.32
N VAL A 153 11.77 -8.71 22.32
CA VAL A 153 11.24 -10.06 22.46
C VAL A 153 9.74 -10.06 22.18
N LEU A 154 9.10 -8.93 22.38
CA LEU A 154 7.66 -8.80 22.13
C LEU A 154 7.39 -8.50 20.66
N LEU A 155 6.32 -9.08 20.12
CA LEU A 155 5.95 -8.86 18.73
C LEU A 155 4.42 -8.88 18.55
N LYS A 156 3.92 -8.10 17.60
CA LYS A 156 2.49 -8.01 17.33
C LYS A 156 1.95 -9.29 16.70
N PRO A 157 0.64 -9.50 16.77
CA PRO A 157 0.02 -10.69 16.20
C PRO A 157 -0.26 -10.54 14.72
N ASN A 158 0.27 -11.43 13.89
CA ASN A 158 0.05 -11.37 12.46
C ASN A 158 -1.44 -11.38 12.15
N TYR A 159 -1.92 -10.29 11.56
CA TYR A 159 -3.33 -10.15 11.21
C TYR A 159 -3.61 -10.64 9.79
N SER A 160 -2.54 -11.02 9.08
CA SER A 160 -2.66 -11.49 7.70
C SER A 160 -3.76 -12.53 7.57
N ASN A 161 -4.68 -12.28 6.64
CA ASN A 161 -5.85 -13.12 6.34
C ASN A 161 -5.72 -14.58 6.76
N THR A 162 -6.71 -15.08 7.49
CA THR A 162 -6.72 -16.46 7.94
C THR A 162 -6.58 -17.42 6.76
N ASN A 163 -6.58 -18.71 7.03
CA ASN A 163 -6.45 -19.72 5.99
C ASN A 163 -7.80 -20.23 5.51
N GLU A 164 -7.87 -21.53 5.24
CA GLU A 164 -9.11 -22.15 4.78
C GLU A 164 -9.29 -23.54 5.39
N ARG A 186 -19.72 -7.32 16.17
CA ARG A 186 -18.86 -8.49 16.31
C ARG A 186 -18.04 -8.73 15.04
N ASP A 187 -16.72 -8.78 15.20
CA ASP A 187 -15.81 -8.97 14.08
C ASP A 187 -16.10 -10.24 13.29
N THR A 188 -16.82 -10.09 12.19
CA THR A 188 -17.16 -11.23 11.34
C THR A 188 -15.99 -11.73 10.52
N ASP A 189 -15.42 -10.85 9.70
CA ASP A 189 -14.29 -11.19 8.84
C ASP A 189 -13.10 -11.74 9.62
N ARG A 190 -13.02 -11.38 10.90
CA ARG A 190 -11.92 -11.80 11.76
C ARG A 190 -10.63 -11.12 11.33
N ASP A 191 -10.45 -9.86 11.72
CA ASP A 191 -9.25 -9.13 11.33
C ASP A 191 -8.88 -7.95 12.23
N GLY A 192 -9.34 -7.98 13.48
CA GLY A 192 -8.99 -6.94 14.44
C GLY A 192 -9.85 -5.68 14.38
N ILE A 193 -11.05 -5.82 13.82
CA ILE A 193 -11.97 -4.70 13.72
C ILE A 193 -13.42 -5.14 13.89
N PRO A 194 -14.28 -4.22 14.31
CA PRO A 194 -15.69 -4.53 14.50
C PRO A 194 -16.47 -4.15 13.25
N ASP A 195 -17.46 -4.95 12.90
CA ASP A 195 -18.28 -4.67 11.73
C ASP A 195 -18.86 -3.26 11.84
N GLU A 196 -19.10 -2.84 13.08
CA GLU A 196 -19.65 -1.51 13.36
C GLU A 196 -18.68 -0.45 12.86
N TRP A 197 -17.39 -0.69 13.05
CA TRP A 197 -16.36 0.25 12.64
C TRP A 197 -16.06 0.14 11.15
N GLU A 198 -16.25 -1.04 10.58
CA GLU A 198 -16.00 -1.26 9.17
C GLU A 198 -17.08 -0.63 8.32
N ILE A 199 -18.29 -0.53 8.87
CA ILE A 199 -19.42 0.07 8.17
C ILE A 199 -19.41 1.58 8.36
N ASN A 200 -19.65 2.01 9.59
CA ASN A 200 -19.69 3.43 9.93
C ASN A 200 -18.33 4.10 9.79
N GLY A 201 -17.34 3.32 9.40
CA GLY A 201 -15.99 3.83 9.20
C GLY A 201 -15.17 3.91 10.49
N TYR A 202 -13.87 4.13 10.33
CA TYR A 202 -12.95 4.24 11.46
C TYR A 202 -11.67 4.97 11.05
N THR A 203 -11.34 6.03 11.76
CA THR A 203 -10.13 6.80 11.47
C THR A 203 -8.96 6.26 12.29
N VAL A 204 -7.77 6.83 12.10
CA VAL A 204 -6.59 6.37 12.83
C VAL A 204 -5.52 7.42 13.18
N MET A 205 -5.54 7.86 14.43
CA MET A 205 -4.51 8.77 14.94
C MET A 205 -3.44 7.81 15.45
N ASN A 206 -2.36 8.32 16.05
CA ASN A 206 -1.34 7.41 16.57
C ASN A 206 -1.92 6.56 17.70
N GLN A 207 -3.04 5.92 17.41
CA GLN A 207 -3.74 5.06 18.36
C GLN A 207 -4.73 4.18 17.61
N LYS A 208 -5.43 4.77 16.64
CA LYS A 208 -6.43 4.07 15.83
C LYS A 208 -7.75 3.89 16.58
N ALA A 209 -8.84 4.36 15.99
CA ALA A 209 -10.16 4.25 16.63
C ALA A 209 -11.28 4.61 15.66
N VAL A 210 -12.52 4.52 16.15
CA VAL A 210 -13.70 4.83 15.33
C VAL A 210 -13.70 6.27 14.82
N ALA A 211 -14.55 6.53 13.82
CA ALA A 211 -14.62 7.85 13.21
C ALA A 211 -15.66 8.75 13.88
N TRP A 212 -15.20 9.90 14.37
CA TRP A 212 -16.07 10.88 15.01
C TRP A 212 -16.08 12.16 14.19
N ASP A 213 -16.97 12.19 13.19
CA ASP A 213 -17.13 13.30 12.24
C ASP A 213 -16.50 14.64 12.59
N ASP A 214 -17.21 15.44 13.37
CA ASP A 214 -16.71 16.76 13.77
C ASP A 214 -15.30 16.64 14.34
N LYS A 215 -15.19 16.90 15.65
CA LYS A 215 -13.95 16.87 16.42
C LYS A 215 -12.71 16.24 15.78
N PHE A 216 -12.86 15.06 15.19
CA PHE A 216 -11.73 14.35 14.57
C PHE A 216 -11.24 14.97 13.26
N ALA A 217 -12.07 14.93 12.23
CA ALA A 217 -11.71 15.47 10.93
C ALA A 217 -11.21 16.91 11.06
N ALA A 218 -11.40 17.49 12.24
CA ALA A 218 -10.95 18.85 12.51
C ALA A 218 -9.43 18.92 12.35
N ASN A 219 -8.72 18.22 13.22
CA ASN A 219 -7.25 18.20 13.17
C ASN A 219 -6.76 17.69 11.82
N GLY A 220 -7.63 17.03 11.09
CA GLY A 220 -7.27 16.52 9.76
C GLY A 220 -6.94 15.04 9.77
N TYR A 221 -7.97 14.19 9.68
CA TYR A 221 -7.77 12.75 9.66
C TYR A 221 -8.58 12.08 8.54
N LYS A 222 -7.96 11.11 7.88
CA LYS A 222 -8.59 10.40 6.77
C LYS A 222 -9.50 9.28 7.26
N LYS A 223 -10.80 9.44 7.05
CA LYS A 223 -11.78 8.44 7.47
C LYS A 223 -11.60 7.14 6.68
N TYR A 224 -11.73 6.02 7.36
CA TYR A 224 -11.58 4.72 6.70
C TYR A 224 -12.90 3.97 6.54
N VAL A 225 -13.17 3.56 5.30
CA VAL A 225 -14.36 2.79 5.00
C VAL A 225 -13.87 1.38 4.70
N SER A 226 -14.56 0.38 5.23
CA SER A 226 -14.14 -1.00 5.03
C SER A 226 -15.28 -1.98 4.80
N ASN A 227 -14.90 -3.22 4.54
CA ASN A 227 -15.84 -4.31 4.29
C ASN A 227 -15.83 -5.18 5.54
N PRO A 228 -16.92 -5.89 5.80
CA PRO A 228 -16.99 -6.75 6.97
C PRO A 228 -16.79 -8.23 6.62
N PHE A 229 -16.96 -8.58 5.36
CA PHE A 229 -16.82 -9.96 4.91
C PHE A 229 -15.56 -10.20 4.09
N LYS A 230 -14.75 -9.15 3.94
CA LYS A 230 -13.49 -9.25 3.21
C LYS A 230 -12.36 -8.67 4.05
N PRO A 231 -11.62 -9.54 4.72
CA PRO A 231 -10.49 -9.13 5.56
C PRO A 231 -9.54 -8.19 4.82
N CYS A 232 -9.70 -8.13 3.49
CA CYS A 232 -8.87 -7.26 2.66
C CYS A 232 -9.64 -6.84 1.42
N THR A 233 -10.32 -5.70 1.50
CA THR A 233 -11.10 -5.20 0.38
C THR A 233 -10.22 -4.98 -0.84
N ALA A 234 -9.20 -4.16 -0.69
CA ALA A 234 -8.28 -3.85 -1.80
C ALA A 234 -7.79 -5.11 -2.52
N ASN A 235 -8.18 -6.27 -2.03
CA ASN A 235 -7.79 -7.53 -2.63
C ASN A 235 -6.28 -7.59 -2.72
N ASP A 236 -5.62 -7.86 -1.59
CA ASP A 236 -4.17 -7.92 -1.54
C ASP A 236 -3.69 -8.77 -0.36
N PRO A 237 -2.38 -8.97 -0.27
CA PRO A 237 -1.81 -9.76 0.82
C PRO A 237 -2.19 -9.19 2.18
N TYR A 238 -1.83 -7.93 2.41
CA TYR A 238 -2.10 -7.27 3.66
C TYR A 238 -3.59 -7.21 3.96
N THR A 239 -3.94 -6.96 5.21
CA THR A 239 -5.34 -6.89 5.63
C THR A 239 -5.76 -5.48 6.03
N ASP A 240 -7.05 -5.30 6.23
CA ASP A 240 -7.61 -4.01 6.62
C ASP A 240 -6.83 -3.43 7.80
N PHE A 241 -6.89 -4.12 8.94
CA PHE A 241 -6.21 -3.66 10.15
C PHE A 241 -4.72 -3.41 9.92
N GLU A 242 -4.03 -4.37 9.33
CA GLU A 242 -2.60 -4.24 9.07
C GLU A 242 -2.28 -2.95 8.32
N LYS A 243 -3.08 -2.65 7.30
CA LYS A 243 -2.88 -1.48 6.48
C LYS A 243 -2.94 -0.16 7.26
N VAL A 244 -4.16 0.25 7.61
CA VAL A 244 -4.39 1.49 8.32
C VAL A 244 -3.39 1.73 9.45
N SER A 245 -3.10 0.67 10.20
CA SER A 245 -2.15 0.74 11.30
C SER A 245 -0.73 1.04 10.81
N GLY A 246 -0.30 0.33 9.77
CA GLY A 246 1.04 0.50 9.23
C GLY A 246 1.70 -0.86 9.11
N GLN A 247 1.23 -1.82 9.91
CA GLN A 247 1.79 -3.15 9.88
C GLN A 247 1.77 -3.66 8.46
N ILE A 248 2.83 -3.31 7.73
CA ILE A 248 2.95 -3.64 6.32
C ILE A 248 4.39 -3.39 5.87
N ASP A 249 4.61 -3.40 4.56
CA ASP A 249 5.92 -3.13 4.01
C ASP A 249 6.26 -1.64 4.09
N PRO A 250 7.30 -1.32 4.85
CA PRO A 250 7.71 0.07 5.02
C PRO A 250 7.86 0.84 3.70
N SER A 251 8.27 0.13 2.66
CA SER A 251 8.49 0.77 1.36
C SER A 251 7.22 1.19 0.61
N VAL A 252 6.11 0.52 0.90
CA VAL A 252 4.84 0.83 0.23
C VAL A 252 4.56 2.32 0.24
N SER A 253 3.90 2.81 -0.81
CA SER A 253 3.57 4.23 -0.93
C SER A 253 2.42 4.59 0.01
N MET A 254 2.65 5.62 0.83
CA MET A 254 1.68 6.09 1.81
C MET A 254 0.24 6.06 1.32
N VAL A 255 0.03 6.22 0.02
CA VAL A 255 -1.31 6.20 -0.55
C VAL A 255 -1.85 4.78 -0.42
N ALA A 256 -0.95 3.84 -0.15
CA ALA A 256 -1.32 2.43 0.00
C ALA A 256 -1.43 2.04 1.47
N ARG A 257 -2.01 2.92 2.28
CA ARG A 257 -2.20 2.65 3.70
C ARG A 257 -3.67 2.51 4.05
N ASP A 258 -4.53 2.76 3.06
CA ASP A 258 -5.97 2.65 3.26
C ASP A 258 -6.43 1.24 2.89
N PRO A 259 -7.52 0.79 3.52
CA PRO A 259 -8.07 -0.52 3.22
C PRO A 259 -8.84 -0.49 1.90
N MET A 260 -9.06 0.72 1.40
CA MET A 260 -9.78 0.90 0.13
C MET A 260 -8.84 1.15 -1.04
N ILE A 261 -7.56 1.38 -0.75
CA ILE A 261 -6.58 1.60 -1.81
C ILE A 261 -5.66 0.40 -1.91
N SER A 262 -5.66 -0.24 -3.08
CA SER A 262 -4.84 -1.43 -3.32
C SER A 262 -3.41 -1.29 -2.80
N ALA A 263 -2.66 -2.37 -2.85
CA ALA A 263 -1.27 -2.35 -2.38
C ALA A 263 -0.37 -3.05 -3.40
N TYR A 264 -0.54 -2.71 -4.66
CA TYR A 264 0.25 -3.34 -5.73
C TYR A 264 1.18 -2.36 -6.42
N PRO A 265 2.14 -2.91 -7.16
CA PRO A 265 3.06 -2.07 -7.91
C PRO A 265 2.62 -2.07 -9.37
N ILE A 266 3.14 -1.11 -10.14
CA ILE A 266 2.79 -1.00 -11.55
C ILE A 266 4.03 -0.65 -12.35
N VAL A 267 4.90 -1.63 -12.53
CA VAL A 267 6.14 -1.44 -13.27
C VAL A 267 5.93 -0.82 -14.65
N GLY A 268 6.94 -0.89 -15.48
CA GLY A 268 6.88 -0.34 -16.82
C GLY A 268 8.29 0.05 -17.26
N VAL A 269 8.46 0.34 -18.53
CA VAL A 269 9.78 0.70 -19.05
C VAL A 269 9.75 1.89 -19.98
N GLN A 270 10.68 2.82 -19.76
CA GLN A 270 10.78 4.03 -20.54
C GLN A 270 12.12 4.12 -21.27
N MET A 271 12.10 4.69 -22.46
CA MET A 271 13.30 4.84 -23.29
C MET A 271 13.84 6.26 -23.10
N GLU A 272 15.15 6.42 -23.31
CA GLU A 272 15.76 7.74 -23.14
C GLU A 272 16.41 8.27 -24.40
N ARG A 273 16.72 7.38 -25.34
CA ARG A 273 17.33 7.79 -26.61
C ARG A 273 17.70 6.57 -27.46
N LEU A 274 17.21 6.54 -28.69
CA LEU A 274 17.51 5.44 -29.60
C LEU A 274 18.71 5.75 -30.48
N VAL A 275 19.57 4.75 -30.68
CA VAL A 275 20.76 4.93 -31.51
C VAL A 275 20.84 3.83 -32.55
N VAL A 276 20.45 4.16 -33.78
CA VAL A 276 20.45 3.20 -34.88
C VAL A 276 21.63 3.47 -35.81
N SER A 277 21.97 2.47 -36.62
CA SER A 277 23.09 2.59 -37.55
C SER A 277 22.90 1.67 -38.75
N LYS A 278 24.00 1.37 -39.45
CA LYS A 278 23.97 0.52 -40.63
C LYS A 278 24.20 -0.96 -40.30
N SER A 279 23.78 -1.84 -41.20
CA SER A 279 23.93 -3.27 -41.00
C SER A 279 25.04 -3.86 -41.87
N GLU A 280 26.08 -4.35 -41.21
CA GLU A 280 27.24 -4.94 -41.89
C GLU A 280 26.87 -6.21 -42.64
N SER A 293 25.00 5.16 -37.59
CA SER A 293 24.75 6.00 -36.42
C SER A 293 23.55 6.91 -36.62
N THR A 294 22.58 6.79 -35.72
CA THR A 294 21.37 7.62 -35.75
C THR A 294 20.84 7.77 -34.32
N SER A 295 21.59 8.50 -33.50
CA SER A 295 21.22 8.74 -32.11
C SER A 295 20.14 9.82 -32.05
N HIS A 296 19.03 9.50 -31.36
CA HIS A 296 17.94 10.46 -31.25
C HIS A 296 17.40 10.59 -29.82
N SER A 297 17.50 11.79 -29.28
CA SER A 297 16.99 12.06 -27.93
C SER A 297 15.49 12.31 -28.02
N SER A 298 14.73 11.65 -27.14
CA SER A 298 13.28 11.79 -27.14
C SER A 298 12.67 11.68 -25.75
N THR A 299 11.36 11.86 -25.66
CA THR A 299 10.64 11.80 -24.40
C THR A 299 9.74 10.58 -24.33
N ASN A 300 9.26 10.27 -23.12
CA ASN A 300 8.36 9.14 -22.91
C ASN A 300 7.11 9.59 -22.15
N ILE A 301 6.04 8.83 -22.26
CA ILE A 301 4.79 9.17 -21.60
C ILE A 301 4.09 7.93 -21.05
N ASN A 302 3.21 8.15 -20.08
CA ASN A 302 2.43 7.06 -19.49
C ASN A 302 1.08 6.94 -20.19
N THR A 303 0.83 5.77 -20.75
CA THR A 303 -0.38 5.51 -21.52
C THR A 303 -1.70 5.58 -20.75
N VAL A 304 -2.75 5.94 -21.48
CA VAL A 304 -4.10 6.02 -20.95
C VAL A 304 -5.05 5.93 -22.16
N GLY A 305 -4.77 4.95 -23.02
CA GLY A 305 -5.52 4.72 -24.25
C GLY A 305 -7.03 4.99 -24.15
N ALA A 306 -7.57 5.57 -25.21
CA ALA A 306 -8.98 5.92 -25.28
C ALA A 306 -9.78 4.91 -26.12
N GLU A 307 -11.11 5.01 -26.01
CA GLU A 307 -12.01 4.11 -26.74
C GLU A 307 -12.47 4.72 -28.07
N VAL A 308 -12.62 3.86 -29.07
CA VAL A 308 -13.04 4.25 -30.40
C VAL A 308 -12.39 5.54 -30.88
N SER A 325 -11.48 2.42 -20.87
CA SER A 325 -10.89 1.18 -21.34
C SER A 325 -10.87 0.14 -20.22
N ALA A 326 -11.31 -1.08 -20.56
CA ALA A 326 -11.33 -2.17 -19.59
C ALA A 326 -9.95 -2.79 -19.38
N SER A 327 -8.91 -1.98 -19.57
CA SER A 327 -7.54 -2.45 -19.41
C SER A 327 -6.89 -1.81 -18.19
N ALA A 328 -5.65 -2.20 -17.91
CA ALA A 328 -4.92 -1.66 -16.78
C ALA A 328 -3.48 -2.15 -16.71
N ASN A 329 -3.02 -2.79 -17.78
CA ASN A 329 -1.67 -3.33 -17.86
C ASN A 329 -0.62 -2.21 -17.78
N TYR A 330 0.50 -2.40 -18.47
CA TYR A 330 1.57 -1.40 -18.48
C TYR A 330 1.91 -0.99 -19.90
N SER A 331 2.57 0.15 -20.06
CA SER A 331 2.95 0.65 -21.38
C SER A 331 3.58 2.04 -21.32
N HIS A 332 4.07 2.51 -22.47
CA HIS A 332 4.70 3.82 -22.55
C HIS A 332 4.81 4.32 -23.99
N THR A 333 3.93 5.24 -24.37
CA THR A 333 3.95 5.84 -25.70
C THR A 333 5.33 6.43 -25.94
N TRP A 334 5.65 6.74 -27.19
CA TRP A 334 6.94 7.32 -27.51
C TRP A 334 6.96 8.14 -28.80
N GLN A 335 7.66 9.26 -28.74
CA GLN A 335 7.78 10.16 -29.90
C GLN A 335 9.25 10.32 -30.27
N ASN A 336 9.52 11.13 -31.30
CA ASN A 336 10.89 11.35 -31.74
C ASN A 336 11.17 12.79 -32.17
N THR A 337 12.01 13.47 -31.40
CA THR A 337 12.39 14.85 -31.70
C THR A 337 13.04 14.89 -33.07
N SER A 338 12.28 15.32 -34.06
CA SER A 338 12.75 15.38 -35.45
C SER A 338 13.55 16.63 -35.78
N THR A 339 14.26 17.16 -34.80
CA THR A 339 15.07 18.37 -35.01
C THR A 339 16.48 18.01 -35.46
N VAL A 340 17.10 18.90 -36.22
CA VAL A 340 18.45 18.67 -36.73
C VAL A 340 19.51 18.95 -35.66
N ASP A 341 20.14 17.88 -35.17
CA ASP A 341 21.17 17.99 -34.14
C ASP A 341 22.51 18.47 -34.69
N ASP A 342 22.53 18.91 -35.94
CA ASP A 342 23.75 19.39 -36.58
C ASP A 342 23.52 19.69 -38.05
N THR A 343 23.30 18.63 -38.83
CA THR A 343 23.03 18.75 -40.26
C THR A 343 22.33 17.50 -40.75
N THR A 344 22.63 17.07 -41.97
CA THR A 344 22.06 15.86 -42.52
C THR A 344 20.54 15.84 -42.39
N SER A 353 21.90 7.22 -46.70
CA SER A 353 22.35 6.34 -47.77
C SER A 353 21.72 4.96 -47.65
N ILE A 354 20.40 4.91 -47.74
CA ILE A 354 19.68 3.63 -47.62
C ILE A 354 19.02 3.19 -48.92
N ASN A 355 19.32 1.96 -49.33
CA ASN A 355 18.76 1.39 -50.55
C ASN A 355 17.35 0.85 -50.31
N THR A 356 17.23 -0.47 -50.29
CA THR A 356 15.95 -1.13 -50.07
C THR A 356 16.19 -2.52 -49.47
N ALA A 357 17.11 -3.27 -50.07
CA ALA A 357 17.42 -4.60 -49.59
C ALA A 357 18.42 -4.55 -48.44
N GLU A 358 18.29 -3.51 -47.61
CA GLU A 358 19.17 -3.34 -46.47
C GLU A 358 18.37 -3.22 -45.17
N SER A 359 18.97 -3.64 -44.07
CA SER A 359 18.32 -3.60 -42.77
C SER A 359 18.83 -2.42 -41.95
N ALA A 360 19.27 -2.70 -40.72
CA ALA A 360 19.77 -1.68 -39.82
C ALA A 360 20.06 -2.26 -38.43
N TYR A 361 20.99 -1.62 -37.72
CA TYR A 361 21.35 -2.06 -36.37
C TYR A 361 21.00 -0.91 -35.42
N ILE A 362 20.23 -1.21 -34.38
CA ILE A 362 19.78 -0.20 -33.45
C ILE A 362 20.17 -0.46 -32.01
N ASN A 363 20.87 0.49 -31.39
CA ASN A 363 21.29 0.38 -30.01
C ASN A 363 20.51 1.37 -29.15
N PRO A 364 19.50 0.87 -28.45
CA PRO A 364 18.67 1.73 -27.59
C PRO A 364 18.93 1.50 -26.11
N ASN A 365 18.83 2.56 -25.32
CA ASN A 365 19.03 2.48 -23.89
C ASN A 365 17.76 2.86 -23.18
N ILE A 366 17.39 2.10 -22.15
CA ILE A 366 16.16 2.34 -21.42
C ILE A 366 16.33 2.15 -19.91
N ARG A 367 15.38 2.68 -19.14
CA ARG A 367 15.38 2.55 -17.70
C ARG A 367 13.98 2.17 -17.21
N TYR A 368 13.91 1.51 -16.06
CA TYR A 368 12.65 1.06 -15.48
C TYR A 368 11.97 2.13 -14.64
N TYR A 369 10.70 1.94 -14.36
CA TYR A 369 9.89 2.92 -13.62
C TYR A 369 8.83 2.19 -12.80
N ASN A 370 8.59 2.66 -11.58
CA ASN A 370 7.60 2.06 -10.70
C ASN A 370 6.58 3.09 -10.24
N THR A 371 5.46 3.16 -10.95
CA THR A 371 4.43 4.14 -10.64
C THR A 371 3.31 3.55 -9.81
N GLY A 372 3.57 2.37 -9.22
CA GLY A 372 2.57 1.68 -8.41
C GLY A 372 2.54 2.16 -6.96
N THR A 373 1.84 1.41 -6.13
CA THR A 373 1.73 1.74 -4.70
C THR A 373 2.52 0.75 -3.85
N ALA A 374 3.30 -0.11 -4.51
CA ALA A 374 4.09 -1.11 -3.83
C ALA A 374 5.47 -1.25 -4.47
N PRO A 375 6.31 -2.12 -3.90
CA PRO A 375 7.67 -2.34 -4.41
C PRO A 375 7.86 -3.74 -5.00
N VAL A 376 8.67 -3.82 -6.04
CA VAL A 376 8.95 -5.11 -6.69
C VAL A 376 10.30 -5.65 -6.25
N TYR A 377 10.42 -6.98 -6.23
CA TYR A 377 11.67 -7.61 -5.79
C TYR A 377 12.29 -8.61 -6.77
N ASN A 378 11.63 -9.74 -6.96
CA ASN A 378 12.14 -10.81 -7.82
C ASN A 378 12.09 -10.52 -9.32
N VAL A 379 11.00 -10.97 -9.93
CA VAL A 379 10.77 -10.86 -11.37
C VAL A 379 10.99 -9.49 -12.01
N THR A 380 11.32 -9.52 -13.30
CA THR A 380 11.52 -8.33 -14.11
C THR A 380 10.65 -8.43 -15.37
N PRO A 381 9.49 -7.77 -15.34
CA PRO A 381 8.53 -7.79 -16.45
C PRO A 381 9.15 -7.79 -17.84
N THR A 382 8.36 -8.21 -18.84
CA THR A 382 8.83 -8.27 -20.22
C THR A 382 8.14 -7.24 -21.11
N THR A 383 8.94 -6.36 -21.71
CA THR A 383 8.40 -5.30 -22.57
C THR A 383 8.32 -5.69 -24.04
N THR A 384 7.35 -5.12 -24.76
CA THR A 384 7.17 -5.42 -26.18
C THR A 384 7.28 -4.18 -27.07
N ILE A 385 8.48 -3.96 -27.62
CA ILE A 385 8.72 -2.82 -28.50
C ILE A 385 8.12 -3.04 -29.88
N VAL A 386 7.45 -2.02 -30.41
CA VAL A 386 6.80 -2.13 -31.71
C VAL A 386 6.67 -0.77 -32.40
N ILE A 387 6.52 -0.81 -33.72
CA ILE A 387 6.28 0.39 -34.52
C ILE A 387 4.99 0.12 -35.30
N ASP A 388 4.05 1.05 -35.23
CA ASP A 388 2.76 0.85 -35.89
C ASP A 388 2.11 -0.36 -35.22
N LYS A 389 2.46 -1.55 -35.70
CA LYS A 389 1.93 -2.80 -35.15
C LYS A 389 2.99 -3.86 -35.39
N GLN A 390 4.04 -3.47 -36.11
CA GLN A 390 5.14 -4.36 -36.45
C GLN A 390 6.17 -4.40 -35.33
N SER A 391 6.14 -5.47 -34.54
CA SER A 391 7.10 -5.65 -33.46
C SER A 391 8.51 -5.56 -33.99
N VAL A 392 9.47 -5.53 -33.08
CA VAL A 392 10.88 -5.41 -33.47
C VAL A 392 11.78 -6.20 -32.53
N ALA A 393 11.56 -6.02 -31.23
CA ALA A 393 12.37 -6.70 -30.23
C ALA A 393 11.60 -6.77 -28.91
N THR A 394 12.09 -7.58 -27.99
CA THR A 394 11.45 -7.74 -26.69
C THR A 394 12.49 -7.68 -25.59
N ILE A 395 12.21 -6.90 -24.55
CA ILE A 395 13.15 -6.72 -23.44
C ILE A 395 12.91 -7.69 -22.30
N LYS A 396 13.45 -8.90 -22.42
CA LYS A 396 13.30 -9.93 -21.40
C LYS A 396 14.04 -9.55 -20.12
N GLY A 397 13.29 -9.42 -19.03
CA GLY A 397 13.86 -9.06 -17.74
C GLY A 397 14.52 -10.25 -17.06
N GLN A 398 15.69 -10.02 -16.46
CA GLN A 398 16.43 -11.07 -15.78
C GLN A 398 15.93 -11.30 -14.36
N GLU A 399 15.25 -12.41 -14.14
CA GLU A 399 14.73 -12.75 -12.82
C GLU A 399 15.83 -13.32 -11.94
N SER A 400 15.66 -13.17 -10.63
CA SER A 400 16.64 -13.67 -9.67
C SER A 400 17.89 -12.78 -9.61
N LEU A 401 17.84 -11.63 -10.27
CA LEU A 401 18.97 -10.72 -10.27
C LEU A 401 18.60 -9.26 -10.47
N ILE A 402 18.90 -8.45 -9.45
CA ILE A 402 18.64 -7.02 -9.49
C ILE A 402 19.58 -6.27 -8.54
N GLY A 403 20.19 -5.20 -9.04
CA GLY A 403 21.10 -4.40 -8.23
C GLY A 403 20.37 -3.93 -6.97
N ASP A 404 19.21 -3.32 -7.17
CA ASP A 404 18.40 -2.84 -6.05
C ASP A 404 16.94 -2.90 -6.44
N TYR A 405 16.10 -3.24 -5.47
CA TYR A 405 14.66 -3.35 -5.70
C TYR A 405 14.12 -2.18 -6.52
N LEU A 406 12.91 -2.35 -7.06
CA LEU A 406 12.28 -1.29 -7.83
C LEU A 406 11.40 -0.46 -6.90
N ASN A 407 12.04 0.39 -6.11
CA ASN A 407 11.37 1.25 -5.15
C ASN A 407 10.11 1.90 -5.70
N PRO A 408 9.09 2.01 -4.87
CA PRO A 408 7.83 2.63 -5.29
C PRO A 408 8.12 4.04 -5.76
N GLY A 409 7.98 4.26 -7.07
CA GLY A 409 8.25 5.57 -7.65
C GLY A 409 9.75 5.71 -7.90
N GLY A 410 10.45 4.59 -7.91
CA GLY A 410 11.89 4.58 -8.13
C GLY A 410 12.23 4.04 -9.51
N THR A 411 13.48 4.18 -9.91
CA THR A 411 13.93 3.72 -11.22
C THR A 411 15.00 2.64 -11.13
N TYR A 412 15.12 1.83 -12.18
CA TYR A 412 16.09 0.74 -12.22
C TYR A 412 16.84 0.71 -13.55
N PRO A 413 18.10 1.13 -13.51
CA PRO A 413 18.70 1.62 -12.28
C PRO A 413 18.12 2.97 -11.90
N ILE A 414 18.64 3.56 -10.83
CA ILE A 414 18.18 4.86 -10.37
C ILE A 414 18.90 5.97 -11.10
N ILE A 415 18.36 7.18 -11.02
CA ILE A 415 18.96 8.35 -11.64
C ILE A 415 20.38 8.53 -11.12
N GLY A 416 20.70 7.81 -10.05
CA GLY A 416 22.02 7.88 -9.45
C GLY A 416 23.03 7.00 -10.19
N GLU A 417 22.59 6.40 -11.29
CA GLU A 417 23.45 5.55 -12.10
C GLU A 417 23.18 5.69 -13.59
N PRO A 418 23.84 4.85 -14.39
CA PRO A 418 23.67 4.89 -15.84
C PRO A 418 22.58 3.93 -16.31
N PRO A 419 21.83 4.34 -17.33
CA PRO A 419 20.76 3.52 -17.87
C PRO A 419 21.26 2.16 -18.34
N MET A 420 20.36 1.37 -18.94
CA MET A 420 20.70 0.04 -19.43
C MET A 420 20.27 -0.13 -20.88
N ALA A 421 21.24 -0.15 -21.79
CA ALA A 421 20.95 -0.30 -23.22
C ALA A 421 20.53 -1.72 -23.55
N LEU A 422 19.47 -1.84 -24.33
CA LEU A 422 18.95 -3.15 -24.74
C LEU A 422 20.11 -3.96 -25.33
N ASN A 423 20.93 -3.31 -26.15
CA ASN A 423 22.08 -3.96 -26.74
C ASN A 423 23.37 -3.36 -26.17
N THR A 424 23.47 -3.37 -24.85
CA THR A 424 24.65 -2.83 -24.17
C THR A 424 25.90 -3.51 -24.72
N MET A 425 27.07 -3.01 -24.32
CA MET A 425 28.32 -3.58 -24.78
C MET A 425 28.86 -4.61 -23.79
N LEU A 432 19.91 -8.60 -31.13
CA LEU A 432 19.92 -7.40 -31.95
C LEU A 432 18.52 -7.09 -32.48
N ILE A 433 18.28 -5.83 -32.84
CA ILE A 433 16.98 -5.43 -33.36
C ILE A 433 17.09 -4.99 -34.82
N PRO A 434 16.51 -5.77 -35.71
CA PRO A 434 16.57 -5.48 -37.13
C PRO A 434 15.34 -4.71 -37.62
N ILE A 435 15.42 -4.23 -38.85
CA ILE A 435 14.34 -3.48 -39.48
C ILE A 435 14.63 -3.38 -40.97
N ASN A 436 13.58 -3.35 -41.78
CA ASN A 436 13.75 -3.28 -43.23
C ASN A 436 13.52 -1.88 -43.79
N TYR A 437 13.99 -1.65 -45.02
CA TYR A 437 13.85 -0.36 -45.68
C TYR A 437 12.43 0.15 -45.60
N ASN A 438 11.47 -0.77 -45.65
CA ASN A 438 10.06 -0.42 -45.57
C ASN A 438 9.71 0.04 -44.16
N GLN A 439 10.41 -0.53 -43.18
CA GLN A 439 10.20 -0.15 -41.79
C GLN A 439 11.03 1.09 -41.47
N LEU A 440 12.21 1.16 -42.07
CA LEU A 440 13.12 2.29 -41.89
C LEU A 440 12.52 3.59 -42.40
N LYS A 441 11.62 3.47 -43.38
CA LYS A 441 10.97 4.63 -43.98
C LYS A 441 9.69 4.98 -43.25
N SER A 442 9.33 4.17 -42.27
CA SER A 442 8.11 4.39 -41.50
C SER A 442 8.43 4.82 -40.07
N ILE A 443 9.68 4.64 -39.67
CA ILE A 443 10.12 5.02 -38.32
C ILE A 443 10.56 6.47 -38.28
N ASP A 444 10.85 7.04 -39.44
CA ASP A 444 11.32 8.42 -39.53
C ASP A 444 10.27 9.40 -40.05
N ASN A 445 9.28 8.90 -40.77
CA ASN A 445 8.23 9.76 -41.29
C ASN A 445 7.60 10.57 -40.18
N GLY A 446 6.98 9.88 -39.23
CA GLY A 446 6.35 10.55 -38.09
C GLY A 446 7.21 10.46 -36.83
N GLY A 447 7.21 9.29 -36.21
CA GLY A 447 7.99 9.07 -35.00
C GLY A 447 7.17 8.36 -33.93
N THR A 448 7.47 7.08 -33.69
CA THR A 448 6.76 6.32 -32.68
C THR A 448 7.31 4.91 -32.53
N VAL A 449 7.58 4.52 -31.29
CA VAL A 449 8.09 3.18 -30.98
C VAL A 449 7.46 2.68 -29.68
N MET A 450 6.34 1.98 -29.82
CA MET A 450 5.58 1.47 -28.69
C MET A 450 6.33 0.44 -27.83
N LEU A 451 6.26 0.63 -26.52
CA LEU A 451 6.88 -0.26 -25.55
C LEU A 451 5.82 -0.70 -24.54
N SER A 452 5.07 -1.75 -24.88
CA SER A 452 3.99 -2.22 -24.03
C SER A 452 4.40 -3.32 -23.05
N THR A 453 4.92 -2.90 -21.90
CA THR A 453 5.31 -3.83 -20.84
C THR A 453 4.12 -4.70 -20.45
N SER A 454 4.25 -6.00 -20.64
CA SER A 454 3.18 -6.93 -20.30
C SER A 454 2.69 -6.77 -18.86
N GLN A 455 2.70 -7.87 -18.12
CA GLN A 455 2.28 -7.88 -16.72
C GLN A 455 2.89 -9.06 -15.99
N PHE A 456 4.13 -8.89 -15.54
CA PHE A 456 4.84 -9.93 -14.82
C PHE A 456 5.68 -9.32 -13.70
N THR A 457 5.46 -9.79 -12.49
CA THR A 457 6.16 -9.28 -11.32
C THR A 457 6.64 -10.41 -10.41
N GLY A 458 7.81 -10.24 -9.80
CA GLY A 458 8.40 -11.26 -8.95
C GLY A 458 7.75 -11.37 -7.58
N ASN A 459 8.56 -11.56 -6.55
CA ASN A 459 8.07 -11.69 -5.19
C ASN A 459 7.97 -10.35 -4.46
N PHE A 460 7.15 -10.33 -3.41
CA PHE A 460 6.96 -9.12 -2.61
C PHE A 460 7.39 -9.34 -1.15
N ALA A 461 6.97 -8.45 -0.26
CA ALA A 461 7.35 -8.54 1.14
C ALA A 461 6.24 -8.99 2.08
N LYS A 462 6.41 -10.18 2.66
CA LYS A 462 5.43 -10.72 3.59
C LYS A 462 5.99 -10.73 5.02
N TYR A 463 5.23 -10.15 5.95
CA TYR A 463 5.65 -10.09 7.35
C TYR A 463 5.76 -11.50 7.93
N ASN A 464 6.95 -11.81 8.47
CA ASN A 464 7.17 -13.13 9.07
C ASN A 464 6.74 -13.12 10.53
N SER A 465 5.77 -13.97 10.86
CA SER A 465 5.22 -14.05 12.20
C SER A 465 6.20 -14.49 13.30
N ASN A 466 7.09 -15.43 12.96
CA ASN A 466 8.03 -15.95 13.95
C ASN A 466 9.18 -15.02 14.32
N GLY A 467 9.93 -14.56 13.31
CA GLY A 467 11.05 -13.68 13.55
C GLY A 467 10.66 -12.20 13.42
N ASN A 468 9.51 -11.96 12.79
CA ASN A 468 9.02 -10.60 12.59
C ASN A 468 9.90 -9.87 11.59
N LEU A 469 10.02 -10.44 10.39
CA LEU A 469 10.86 -9.86 9.36
C LEU A 469 10.14 -9.83 8.02
N VAL A 470 10.01 -8.65 7.43
CA VAL A 470 9.38 -8.50 6.13
C VAL A 470 10.31 -9.12 5.10
N THR A 471 10.03 -10.36 4.72
CA THR A 471 10.88 -11.11 3.80
C THR A 471 10.24 -11.40 2.45
N ASP A 472 11.09 -11.78 1.49
CA ASP A 472 10.67 -12.10 0.13
C ASP A 472 9.84 -13.39 0.12
N GLY A 473 8.54 -13.24 -0.06
CA GLY A 473 7.62 -14.38 -0.08
C GLY A 473 7.81 -15.24 -1.33
N ASN A 474 6.71 -15.56 -2.00
CA ASN A 474 6.77 -16.39 -3.20
C ASN A 474 5.91 -15.86 -4.34
N ASN A 475 6.38 -14.79 -4.98
CA ASN A 475 5.73 -14.17 -6.14
C ASN A 475 4.71 -13.07 -5.88
N TRP A 476 4.44 -12.27 -6.92
CA TRP A 476 3.48 -11.18 -6.88
C TRP A 476 2.29 -11.60 -7.75
N GLY A 477 2.59 -11.82 -9.03
CA GLY A 477 1.66 -12.23 -10.09
C GLY A 477 0.22 -12.54 -9.70
N PRO A 478 -0.02 -13.73 -9.17
CA PRO A 478 -1.36 -14.15 -8.78
C PRO A 478 -2.07 -13.18 -7.83
N TYR A 479 -1.48 -12.01 -7.64
CA TYR A 479 -2.03 -10.98 -6.77
C TYR A 479 -2.71 -9.88 -7.58
N LEU A 480 -2.17 -9.59 -8.76
CA LEU A 480 -2.74 -8.58 -9.62
C LEU A 480 -4.18 -8.92 -9.99
N GLY A 481 -4.42 -10.19 -10.28
CA GLY A 481 -5.73 -10.69 -10.69
C GLY A 481 -6.92 -10.10 -9.92
N THR A 482 -7.19 -10.62 -8.74
CA THR A 482 -8.31 -10.18 -7.91
C THR A 482 -8.37 -8.65 -7.81
N ILE A 483 -7.21 -8.02 -7.82
CA ILE A 483 -7.13 -6.57 -7.71
C ILE A 483 -8.02 -5.90 -8.74
N LYS A 484 -7.60 -5.95 -10.00
CA LYS A 484 -8.34 -5.32 -11.10
C LYS A 484 -9.84 -5.61 -11.07
N SER A 485 -10.18 -6.89 -10.90
CA SER A 485 -11.58 -7.29 -10.87
C SER A 485 -12.40 -6.53 -9.82
N THR A 486 -11.71 -5.98 -8.81
CA THR A 486 -12.39 -5.25 -7.76
C THR A 486 -11.86 -3.84 -7.52
N THR A 487 -10.92 -3.40 -8.36
CA THR A 487 -10.35 -2.05 -8.22
C THR A 487 -10.38 -1.23 -9.50
N ALA A 488 -10.56 0.08 -9.35
CA ALA A 488 -10.63 1.00 -10.49
C ALA A 488 -9.34 1.80 -10.67
N SER A 489 -9.02 2.13 -11.92
CA SER A 489 -7.78 2.86 -12.22
C SER A 489 -7.79 4.34 -11.81
N LEU A 490 -6.63 4.98 -11.92
CA LEU A 490 -6.48 6.39 -11.56
C LEU A 490 -5.01 6.82 -11.60
N THR A 491 -4.65 7.62 -12.60
CA THR A 491 -3.28 8.09 -12.77
C THR A 491 -3.15 9.60 -12.53
N LEU A 492 -1.92 10.08 -12.39
CA LEU A 492 -1.66 11.49 -12.14
C LEU A 492 -0.28 11.91 -12.68
N SER A 493 0.24 13.00 -12.12
CA SER A 493 1.56 13.54 -12.48
C SER A 493 1.74 14.94 -11.87
N LEU A 494 1.37 15.07 -10.58
CA LEU A 494 1.46 16.34 -9.88
C LEU A 494 2.85 16.63 -9.35
N PRO A 495 3.35 15.76 -8.47
CA PRO A 495 4.66 15.97 -7.84
C PRO A 495 5.75 16.31 -8.85
N ASP A 496 6.12 15.35 -9.69
CA ASP A 496 7.14 15.57 -10.69
C ASP A 496 7.03 14.57 -11.85
N GLN A 497 6.38 13.43 -11.57
CA GLN A 497 6.18 12.41 -12.58
C GLN A 497 4.82 11.73 -12.45
N THR A 498 4.67 10.57 -13.06
CA THR A 498 3.40 9.84 -13.08
C THR A 498 3.24 8.84 -11.93
N THR A 499 2.03 8.78 -11.38
CA THR A 499 1.73 7.85 -10.29
C THR A 499 0.38 7.18 -10.50
N GLN A 500 0.40 5.90 -10.84
CA GLN A 500 -0.82 5.12 -11.05
C GLN A 500 -1.26 4.44 -9.76
N VAL A 501 -2.56 4.45 -9.50
CA VAL A 501 -3.12 3.85 -8.29
C VAL A 501 -4.44 3.17 -8.59
N ALA A 502 -4.76 2.15 -7.82
CA ALA A 502 -6.01 1.43 -8.00
C ALA A 502 -6.94 1.69 -6.84
N VAL A 503 -8.23 1.81 -7.11
CA VAL A 503 -9.21 2.09 -6.07
C VAL A 503 -10.29 1.00 -6.01
N VAL A 504 -10.42 0.37 -4.86
CA VAL A 504 -11.42 -0.66 -4.67
C VAL A 504 -12.78 -0.11 -5.06
N ALA A 505 -13.64 -0.99 -5.56
CA ALA A 505 -14.97 -0.58 -5.98
C ALA A 505 -15.67 -1.75 -6.65
N PRO A 506 -16.79 -2.18 -6.08
CA PRO A 506 -17.56 -3.28 -6.66
C PRO A 506 -17.95 -2.96 -8.09
N ASN A 507 -18.78 -3.80 -8.69
CA ASN A 507 -19.23 -3.56 -10.06
C ASN A 507 -20.72 -3.29 -10.12
N PHE A 508 -21.13 -2.49 -11.10
CA PHE A 508 -22.55 -2.16 -11.26
C PHE A 508 -23.32 -3.42 -11.63
N SER A 509 -22.90 -4.08 -12.70
CA SER A 509 -23.52 -5.32 -13.15
C SER A 509 -22.67 -6.53 -12.70
N ASP A 513 -21.71 -7.68 -3.54
CA ASP A 513 -22.66 -7.11 -2.60
C ASP A 513 -22.00 -6.91 -1.23
N LYS A 514 -20.74 -7.33 -1.10
CA LYS A 514 -20.01 -7.20 0.16
C LYS A 514 -19.15 -5.94 0.23
N THR A 515 -18.76 -5.43 -0.93
CA THR A 515 -17.92 -4.24 -1.00
C THR A 515 -18.69 -3.01 -0.53
N PRO A 516 -18.01 -1.85 -0.53
CA PRO A 516 -18.63 -0.60 -0.10
C PRO A 516 -18.79 0.39 -1.25
N ARG A 517 -19.51 1.48 -1.00
CA ARG A 517 -19.75 2.48 -2.03
C ARG A 517 -18.67 3.56 -2.07
N LEU A 518 -18.16 3.84 -3.27
CA LEU A 518 -17.12 4.84 -3.46
C LEU A 518 -17.52 5.85 -4.53
N THR A 519 -16.95 7.05 -4.44
CA THR A 519 -17.23 8.10 -5.41
C THR A 519 -15.92 8.68 -5.94
N LEU A 520 -16.01 9.48 -7.00
CA LEU A 520 -14.84 10.09 -7.61
C LEU A 520 -14.06 10.93 -6.59
N GLU A 521 -14.77 11.50 -5.63
CA GLU A 521 -14.13 12.34 -4.61
C GLU A 521 -13.30 11.52 -3.65
N GLN A 522 -13.96 10.80 -2.74
CA GLN A 522 -13.26 9.98 -1.76
C GLN A 522 -12.19 9.11 -2.41
N ALA A 523 -12.32 8.88 -3.72
CA ALA A 523 -11.33 8.10 -4.44
C ALA A 523 -10.12 8.99 -4.75
N LEU A 524 -10.38 10.26 -4.96
CA LEU A 524 -9.33 11.22 -5.27
C LEU A 524 -8.80 11.84 -3.98
N VAL A 525 -9.08 11.19 -2.86
CA VAL A 525 -8.64 11.67 -1.55
C VAL A 525 -7.71 10.66 -0.89
N LYS A 526 -7.71 9.43 -1.42
CA LYS A 526 -6.85 8.37 -0.91
C LYS A 526 -6.03 7.77 -2.03
N ALA A 527 -6.16 8.33 -3.23
CA ALA A 527 -5.43 7.84 -4.39
C ALA A 527 -4.19 8.69 -4.66
N PHE A 528 -4.30 9.98 -4.38
CA PHE A 528 -3.18 10.91 -4.58
C PHE A 528 -3.03 11.87 -3.41
N ARG A 529 -3.60 11.49 -2.27
CA ARG A 529 -3.51 12.30 -1.05
C ARG A 529 -3.88 13.76 -1.30
N LEU A 530 -5.17 14.05 -1.24
CA LEU A 530 -5.69 15.39 -1.45
C LEU A 530 -6.88 15.62 -0.53
N GLU A 531 -6.59 15.96 0.73
CA GLU A 531 -7.61 16.18 1.75
C GLU A 531 -8.30 17.55 1.66
N LYS A 532 -8.93 17.95 2.76
CA LYS A 532 -9.65 19.22 2.82
C LYS A 532 -9.27 20.04 4.05
N LYS A 533 -8.67 21.20 3.82
CA LYS A 533 -8.30 22.09 4.92
C LYS A 533 -9.59 22.67 5.51
N ASN A 534 -10.36 23.36 4.68
CA ASN A 534 -11.62 23.95 5.11
C ASN A 534 -12.75 23.48 4.20
N GLY A 535 -12.70 22.20 3.82
CA GLY A 535 -13.72 21.63 2.95
C GLY A 535 -13.38 21.99 1.50
N LYS A 536 -12.12 22.33 1.27
CA LYS A 536 -11.66 22.71 -0.07
C LYS A 536 -10.59 21.75 -0.56
N PHE A 537 -10.94 20.94 -1.55
CA PHE A 537 -9.99 19.99 -2.12
C PHE A 537 -8.72 20.73 -2.55
N TYR A 538 -7.58 20.32 -2.00
CA TYR A 538 -6.31 20.95 -2.33
C TYR A 538 -5.17 19.95 -2.36
N PHE A 539 -4.08 20.33 -3.01
CA PHE A 539 -2.89 19.48 -3.13
C PHE A 539 -1.66 20.29 -2.76
N HIS A 540 -1.37 20.33 -1.46
CA HIS A 540 -0.24 21.10 -0.95
C HIS A 540 -0.55 22.60 -1.09
N GLY A 541 -1.84 22.91 -1.05
CA GLY A 541 -2.30 24.29 -1.20
C GLY A 541 -2.79 24.52 -2.63
N MET A 542 -2.06 23.94 -3.58
CA MET A 542 -2.39 24.08 -5.00
C MET A 542 -3.86 23.82 -5.26
N GLU A 543 -4.55 24.82 -5.82
CA GLU A 543 -5.97 24.73 -6.13
C GLU A 543 -6.36 23.43 -6.82
N ILE A 544 -7.65 23.28 -7.10
CA ILE A 544 -8.17 22.12 -7.80
C ILE A 544 -9.01 22.62 -8.96
N SER A 545 -9.20 23.93 -8.99
CA SER A 545 -9.99 24.58 -10.03
C SER A 545 -9.09 25.02 -11.19
N LYS A 549 -6.37 24.04 -10.53
CA LYS A 549 -5.11 24.02 -11.26
C LYS A 549 -4.80 22.63 -11.79
N ILE A 550 -5.84 21.81 -11.94
CA ILE A 550 -5.68 20.44 -12.45
C ILE A 550 -6.78 20.07 -13.43
N GLN A 551 -6.38 19.50 -14.57
CA GLN A 551 -7.33 19.08 -15.61
C GLN A 551 -7.81 17.66 -15.36
N VAL A 552 -8.64 17.15 -16.28
CA VAL A 552 -9.19 15.80 -16.19
C VAL A 552 -9.00 15.01 -17.47
N PHE A 553 -9.14 13.69 -17.37
CA PHE A 553 -8.97 12.81 -18.51
C PHE A 553 -9.56 11.43 -18.24
N LEU A 554 -10.89 11.35 -18.16
CA LEU A 554 -11.59 10.09 -17.91
C LEU A 554 -11.59 9.20 -19.14
N ASP A 555 -12.45 8.19 -19.14
CA ASP A 555 -12.56 7.30 -20.30
C ASP A 555 -13.87 7.56 -21.02
N ARG A 556 -13.93 7.20 -22.29
CA ARG A 556 -15.11 7.41 -23.12
C ARG A 556 -16.38 6.98 -22.38
N ASN A 557 -16.34 5.79 -21.79
CA ASN A 557 -17.46 5.27 -21.02
C ASN A 557 -17.91 6.31 -20.00
N THR A 558 -17.19 6.36 -18.89
CA THR A 558 -17.47 7.30 -17.81
C THR A 558 -17.75 8.71 -18.30
N ASN A 559 -17.27 9.03 -19.51
CA ASN A 559 -17.48 10.36 -20.06
C ASN A 559 -18.98 10.59 -20.18
N VAL A 560 -19.66 9.66 -20.86
CA VAL A 560 -21.11 9.74 -21.00
C VAL A 560 -21.74 9.36 -19.67
N ASP A 561 -21.10 8.44 -18.95
CA ASP A 561 -21.58 8.03 -17.64
C ASP A 561 -21.44 9.20 -16.66
N PHE A 562 -20.63 10.18 -17.05
CA PHE A 562 -20.44 11.38 -16.23
C PHE A 562 -21.47 12.39 -16.69
N GLU A 563 -21.88 12.29 -17.95
CA GLU A 563 -22.89 13.17 -18.51
C GLU A 563 -24.22 12.76 -17.89
N ASN A 564 -24.31 11.50 -17.48
CA ASN A 564 -25.49 10.99 -16.81
C ASN A 564 -25.40 11.38 -15.33
N GLN A 565 -24.29 10.99 -14.70
CA GLN A 565 -24.05 11.29 -13.29
C GLN A 565 -24.14 12.79 -13.00
N LEU A 566 -23.56 13.59 -13.88
CA LEU A 566 -23.54 15.04 -13.72
C LEU A 566 -24.93 15.62 -13.97
N LYS A 567 -25.41 15.46 -15.20
CA LYS A 567 -26.71 15.96 -15.61
C LYS A 567 -27.77 15.78 -14.53
N ASN A 568 -27.81 14.59 -13.94
CA ASN A 568 -28.74 14.31 -12.86
C ASN A 568 -28.51 15.31 -11.73
N THR A 569 -27.28 15.81 -11.62
CA THR A 569 -26.92 16.76 -10.57
C THR A 569 -26.26 18.03 -11.12
N ALA A 570 -25.18 18.48 -10.48
CA ALA A 570 -24.50 19.70 -10.91
C ALA A 570 -23.15 19.99 -10.26
N ASN A 571 -22.08 19.53 -10.91
CA ASN A 571 -20.69 19.71 -10.46
C ASN A 571 -20.45 19.87 -8.97
N LYS A 572 -20.37 21.13 -8.52
CA LYS A 572 -20.11 21.53 -7.14
C LYS A 572 -20.19 20.46 -6.06
N ASP A 573 -21.26 19.67 -6.09
CA ASP A 573 -21.46 18.61 -5.11
C ASP A 573 -20.27 17.65 -5.08
N ILE A 574 -19.84 17.22 -6.26
CA ILE A 574 -18.73 16.28 -6.38
C ILE A 574 -18.89 15.06 -5.48
N MET A 575 -20.09 14.88 -4.94
CA MET A 575 -20.36 13.77 -4.02
C MET A 575 -21.40 12.77 -4.53
N ASN A 576 -21.56 12.71 -5.85
CA ASN A 576 -22.49 11.77 -6.47
C ASN A 576 -21.78 11.05 -7.61
N CYS A 577 -20.51 11.40 -7.79
CA CYS A 577 -19.68 10.84 -8.84
C CYS A 577 -19.10 9.48 -8.46
N ILE A 578 -19.96 8.48 -8.31
CA ILE A 578 -19.54 7.13 -7.95
C ILE A 578 -18.59 6.55 -9.01
N ILE A 579 -17.81 5.55 -8.60
CA ILE A 579 -16.88 4.89 -9.51
C ILE A 579 -17.09 3.38 -9.52
N LYS A 580 -16.86 2.78 -10.68
CA LYS A 580 -17.02 1.34 -10.84
C LYS A 580 -15.68 0.71 -11.22
N ARG A 581 -15.68 -0.62 -11.36
CA ARG A 581 -14.47 -1.33 -11.72
C ARG A 581 -13.98 -0.99 -13.12
N ASN A 582 -12.67 -1.06 -13.33
CA ASN A 582 -12.06 -0.75 -14.62
C ASN A 582 -12.42 0.64 -15.12
N MET A 583 -12.47 1.61 -14.20
CA MET A 583 -12.82 2.98 -14.54
C MET A 583 -11.60 3.81 -14.89
N ASN A 584 -11.10 3.60 -16.11
CA ASN A 584 -9.93 4.31 -16.63
C ASN A 584 -10.06 5.82 -16.40
N ILE A 585 -9.15 6.38 -15.62
CA ILE A 585 -9.18 7.81 -15.34
C ILE A 585 -7.77 8.39 -15.24
N LEU A 586 -7.57 9.57 -15.83
CA LEU A 586 -6.27 10.23 -15.82
C LEU A 586 -6.41 11.64 -15.26
N VAL A 587 -5.29 12.30 -15.00
CA VAL A 587 -5.31 13.66 -14.46
C VAL A 587 -3.99 14.39 -14.73
N LYS A 588 -4.04 15.41 -15.58
CA LYS A 588 -2.85 16.18 -15.92
C LYS A 588 -2.62 17.28 -14.89
N VAL A 589 -2.51 18.51 -15.37
CA VAL A 589 -2.29 19.68 -14.53
C VAL A 589 -1.87 20.90 -15.35
N ILE A 590 -2.53 22.02 -15.12
CA ILE A 590 -2.20 23.26 -15.81
C ILE A 590 -1.33 24.16 -14.93
N THR A 591 -1.11 23.79 -13.75
#